data_6EBQ
#
_entry.id   6EBQ
#
_cell.length_a   55.444
_cell.length_b   50.057
_cell.length_c   64.272
_cell.angle_alpha   90.000
_cell.angle_beta   112.570
_cell.angle_gamma   90.000
#
_symmetry.space_group_name_H-M   'P 1 21 1'
#
loop_
_entity.id
_entity.type
_entity.pdbx_description
1 polymer 'Protein NrdI'
2 non-polymer 'FLAVIN MONONUCLEOTIDE'
3 water water
#
_entity_poly.entity_id   1
_entity_poly.type   'polypeptide(L)'
_entity_poly.pdbx_seq_one_letter_code
;MGSSHHHHHHSSGLVPRGSKELIVYFSTQSNNTHRFVQKLDAESIRIPIDEEERIKVDEDYVLIVPTYSGGKVTDAGQVD
AHGAVPKQVIHFLNDPDNRKHCLGVISSGNTNFGDSFAIAGPVISYKLKVPLLYQFELIGTKEDVEEVNRIISETFNADQ
;
_entity_poly.pdbx_strand_id   A,B
#
# COMPACT_ATOMS: atom_id res chain seq x y z
N GLU A 21 -13.59 9.76 -13.63
CA GLU A 21 -12.31 9.83 -12.86
C GLU A 21 -12.31 11.04 -11.93
N LEU A 22 -11.92 10.81 -10.67
CA LEU A 22 -11.99 11.84 -9.64
C LEU A 22 -10.93 11.60 -8.56
N ILE A 23 -10.27 12.67 -8.16
CA ILE A 23 -9.30 12.65 -7.09
C ILE A 23 -9.84 13.50 -5.95
N VAL A 24 -9.70 13.02 -4.71
CA VAL A 24 -9.86 13.83 -3.52
C VAL A 24 -8.47 13.91 -2.90
N TYR A 25 -8.03 15.12 -2.57
CA TYR A 25 -6.69 15.30 -2.03
C TYR A 25 -6.62 16.31 -0.89
N PHE A 26 -5.56 16.19 -0.10
CA PHE A 26 -5.23 17.15 0.94
C PHE A 26 -3.82 17.68 0.71
N SER A 27 -3.64 18.96 1.04
CA SER A 27 -2.35 19.62 0.89
C SER A 27 -2.30 20.80 1.86
N THR A 28 -1.24 20.90 2.65
CA THR A 28 -1.06 22.05 3.56
C THR A 28 -0.69 23.29 2.74
N GLN A 29 -0.45 24.41 3.42
CA GLN A 29 -0.08 25.66 2.76
C GLN A 29 1.24 25.58 1.95
N SER A 30 2.11 24.59 2.25
CA SER A 30 3.29 24.34 1.40
C SER A 30 2.97 23.84 -0.03
N ASN A 31 1.76 23.28 -0.22
CA ASN A 31 1.20 23.02 -1.55
C ASN A 31 1.90 21.95 -2.44
N ASN A 32 2.73 21.10 -1.85
CA ASN A 32 3.45 20.08 -2.63
C ASN A 32 2.50 19.09 -3.32
N THR A 33 1.53 18.58 -2.57
CA THR A 33 0.55 17.61 -3.06
C THR A 33 -0.42 18.27 -4.05
N HIS A 34 -0.78 19.52 -3.77
CA HIS A 34 -1.55 20.33 -4.71
C HIS A 34 -0.85 20.44 -6.06
N ARG A 35 0.44 20.78 -6.04
CA ARG A 35 1.22 20.92 -7.30
C ARG A 35 1.37 19.60 -8.05
N PHE A 36 1.47 18.46 -7.34
CA PHE A 36 1.41 17.16 -8.01
C PHE A 36 0.05 16.90 -8.63
N VAL A 37 -1.02 17.10 -7.86
CA VAL A 37 -2.39 16.83 -8.31
C VAL A 37 -2.80 17.74 -9.48
N GLN A 38 -2.37 19.01 -9.46
CA GLN A 38 -2.57 19.94 -10.60
C GLN A 38 -2.10 19.39 -11.95
N LYS A 39 -1.02 18.60 -11.93
CA LYS A 39 -0.48 17.98 -13.15
C LYS A 39 -1.26 16.74 -13.66
N LEU A 40 -2.08 16.13 -12.81
CA LEU A 40 -2.84 14.92 -13.17
C LEU A 40 -4.05 15.23 -14.05
N ASP A 41 -4.46 14.25 -14.86
CA ASP A 41 -5.59 14.41 -15.82
C ASP A 41 -6.95 14.48 -15.15
N ALA A 42 -7.16 13.68 -14.11
CA ALA A 42 -8.48 13.55 -13.47
C ALA A 42 -8.88 14.81 -12.72
N GLU A 43 -10.19 15.02 -12.59
CA GLU A 43 -10.75 16.11 -11.77
C GLU A 43 -10.32 15.94 -10.31
N SER A 44 -10.09 17.05 -9.62
CA SER A 44 -9.65 17.02 -8.22
C SER A 44 -10.49 17.91 -7.31
N ILE A 45 -10.78 17.40 -6.12
CA ILE A 45 -11.50 18.10 -5.07
C ILE A 45 -10.57 18.19 -3.86
N ARG A 46 -10.41 19.39 -3.30
CA ARG A 46 -9.51 19.62 -2.17
C ARG A 46 -10.23 19.56 -0.82
N ILE A 47 -9.73 18.72 0.09
CA ILE A 47 -10.15 18.73 1.49
C ILE A 47 -9.60 20.03 2.09
N PRO A 48 -10.45 20.87 2.71
CA PRO A 48 -9.95 22.18 3.17
C PRO A 48 -8.84 22.12 4.22
N ILE A 49 -7.91 23.07 4.15
CA ILE A 49 -6.90 23.23 5.21
C ILE A 49 -7.58 23.62 6.52
N ASP A 50 -8.55 24.53 6.42
CA ASP A 50 -9.39 24.93 7.56
C ASP A 50 -10.04 23.68 8.17
N GLU A 51 -9.66 23.36 9.40
CA GLU A 51 -10.15 22.17 10.12
C GLU A 51 -11.66 22.18 10.34
N GLU A 52 -12.25 23.37 10.53
CA GLU A 52 -13.70 23.49 10.77
C GLU A 52 -14.56 23.27 9.52
N GLU A 53 -14.02 23.57 8.33
CA GLU A 53 -14.73 23.31 7.08
C GLU A 53 -14.73 21.83 6.73
N ARG A 54 -15.87 21.32 6.29
CA ARG A 54 -16.04 19.94 5.86
C ARG A 54 -16.56 19.91 4.43
N ILE A 55 -16.31 18.81 3.73
CA ILE A 55 -16.86 18.59 2.40
C ILE A 55 -17.60 17.25 2.33
N LYS A 56 -18.48 17.16 1.35
CA LYS A 56 -19.23 15.95 1.05
C LYS A 56 -18.97 15.60 -0.41
N VAL A 57 -18.53 14.37 -0.67
CA VAL A 57 -18.23 13.91 -2.02
C VAL A 57 -19.29 12.87 -2.41
N ASP A 58 -19.92 13.07 -3.57
CA ASP A 58 -21.04 12.24 -4.05
C ASP A 58 -20.60 11.05 -4.90
N GLU A 59 -19.41 11.10 -5.49
CA GLU A 59 -18.97 10.12 -6.48
C GLU A 59 -17.70 9.41 -6.01
N ASP A 60 -17.35 8.33 -6.70
CA ASP A 60 -16.18 7.53 -6.38
C ASP A 60 -14.89 8.30 -6.63
N TYR A 61 -13.88 8.06 -5.80
CA TYR A 61 -12.63 8.81 -5.85
C TYR A 61 -11.43 7.96 -5.42
N VAL A 62 -10.25 8.34 -5.91
CA VAL A 62 -8.98 7.91 -5.37
C VAL A 62 -8.49 9.04 -4.46
N LEU A 63 -8.03 8.66 -3.26
CA LEU A 63 -7.59 9.62 -2.24
C LEU A 63 -6.08 9.82 -2.36
N ILE A 64 -5.62 11.07 -2.35
CA ILE A 64 -4.19 11.38 -2.41
C ILE A 64 -3.83 12.30 -1.24
N VAL A 65 -2.95 11.83 -0.35
CA VAL A 65 -2.64 12.54 0.89
C VAL A 65 -1.16 12.45 1.28
N PRO A 66 -0.61 13.55 1.87
CA PRO A 66 0.75 13.52 2.38
C PRO A 66 0.81 12.98 3.80
N THR A 67 2.03 12.73 4.29
CA THR A 67 2.26 12.13 5.60
C THR A 67 2.88 13.14 6.55
N TYR A 68 2.41 13.16 7.81
CA TYR A 68 2.79 14.20 8.79
C TYR A 68 3.13 13.69 10.20
N SER A 69 3.60 12.45 10.31
CA SER A 69 3.98 11.90 11.62
C SER A 69 5.39 12.32 12.08
N GLY A 70 6.16 12.97 11.20
CA GLY A 70 7.47 13.53 11.57
C GLY A 70 8.59 12.51 11.73
N GLY A 71 8.40 11.29 11.22
CA GLY A 71 9.41 10.25 11.34
C GLY A 71 9.68 9.79 12.76
N LYS A 72 8.65 9.85 13.60
CA LYS A 72 8.79 9.44 14.99
C LYS A 72 9.04 7.94 15.12
N VAL A 73 9.71 7.58 16.22
CA VAL A 73 9.87 6.18 16.61
C VAL A 73 9.42 6.01 18.06
N THR A 74 9.15 4.77 18.44
CA THR A 74 8.81 4.43 19.84
C THR A 74 10.10 4.24 20.65
N ASP A 75 9.95 4.06 21.95
CA ASP A 75 11.09 3.81 22.85
C ASP A 75 11.85 2.54 22.47
N ALA A 76 11.14 1.53 21.99
CA ALA A 76 11.76 0.31 21.43
C ALA A 76 12.54 0.58 20.13
N GLY A 77 12.04 1.52 19.31
CA GLY A 77 12.67 1.90 18.03
C GLY A 77 11.81 1.64 16.79
N GLN A 78 10.61 1.11 16.97
CA GLN A 78 9.70 0.87 15.85
C GLN A 78 9.06 2.19 15.41
N VAL A 79 8.46 2.21 14.22
CA VAL A 79 7.85 3.43 13.69
C VAL A 79 6.69 3.84 14.60
N ASP A 80 6.56 5.15 14.84
CA ASP A 80 5.40 5.73 15.51
C ASP A 80 4.65 6.56 14.47
N ALA A 81 3.46 6.09 14.10
CA ALA A 81 2.66 6.70 13.03
C ALA A 81 1.59 7.68 13.52
N HIS A 82 1.58 8.03 14.81
CA HIS A 82 0.64 9.06 15.30
C HIS A 82 0.82 10.35 14.48
N GLY A 83 -0.30 10.88 13.99
CA GLY A 83 -0.30 12.07 13.15
C GLY A 83 0.11 11.86 11.69
N ALA A 84 0.26 10.59 11.26
CA ALA A 84 0.61 10.30 9.87
C ALA A 84 -0.45 10.86 8.93
N VAL A 85 -1.72 10.59 9.24
CA VAL A 85 -2.83 11.10 8.43
C VAL A 85 -3.18 12.49 8.97
N PRO A 86 -3.16 13.52 8.09
CA PRO A 86 -3.58 14.85 8.55
C PRO A 86 -4.99 14.85 9.15
N LYS A 87 -5.17 15.63 10.21
CA LYS A 87 -6.46 15.69 10.93
C LYS A 87 -7.65 15.95 10.02
N GLN A 88 -7.44 16.77 9.00
CA GLN A 88 -8.50 17.13 8.05
C GLN A 88 -8.96 15.91 7.26
N VAL A 89 -8.01 15.02 6.94
CA VAL A 89 -8.32 13.79 6.21
C VAL A 89 -9.05 12.80 7.12
N ILE A 90 -8.66 12.73 8.40
CA ILE A 90 -9.38 11.91 9.38
C ILE A 90 -10.85 12.33 9.48
N HIS A 91 -11.10 13.64 9.59
CA HIS A 91 -12.49 14.17 9.61
C HIS A 91 -13.24 13.81 8.34
N PHE A 92 -12.57 13.94 7.18
CA PHE A 92 -13.16 13.60 5.89
C PHE A 92 -13.59 12.13 5.84
N LEU A 93 -12.67 11.25 6.20
CA LEU A 93 -12.91 9.80 6.19
C LEU A 93 -13.84 9.28 7.31
N ASN A 94 -14.01 10.05 8.39
CA ASN A 94 -14.97 9.70 9.45
C ASN A 94 -16.42 9.65 8.97
N ASP A 95 -16.75 10.46 7.98
CA ASP A 95 -18.08 10.45 7.37
C ASP A 95 -18.23 9.18 6.51
N PRO A 96 -19.17 8.28 6.89
CA PRO A 96 -19.35 7.06 6.08
C PRO A 96 -19.80 7.32 4.63
N ASP A 97 -20.50 8.44 4.40
CA ASP A 97 -20.89 8.85 3.04
C ASP A 97 -19.67 9.20 2.19
N ASN A 98 -18.66 9.83 2.80
CA ASN A 98 -17.37 10.04 2.13
C ASN A 98 -16.57 8.74 2.00
N ARG A 99 -16.46 7.99 3.10
CA ARG A 99 -15.63 6.78 3.16
C ARG A 99 -15.98 5.72 2.11
N LYS A 100 -17.29 5.48 1.92
CA LYS A 100 -17.78 4.43 1.02
C LYS A 100 -17.35 4.62 -0.45
N HIS A 101 -17.15 5.87 -0.85
CA HIS A 101 -16.72 6.19 -2.22
C HIS A 101 -15.21 6.07 -2.49
N CYS A 102 -14.42 5.68 -1.50
CA CYS A 102 -12.96 5.55 -1.70
C CYS A 102 -12.60 4.23 -2.39
N LEU A 103 -12.02 4.34 -3.59
CA LEU A 103 -11.59 3.18 -4.39
C LEU A 103 -10.14 2.76 -4.11
N GLY A 104 -9.36 3.67 -3.55
CA GLY A 104 -7.94 3.41 -3.29
C GLY A 104 -7.29 4.65 -2.72
N VAL A 105 -6.08 4.49 -2.23
CA VAL A 105 -5.32 5.59 -1.66
C VAL A 105 -3.94 5.65 -2.29
N ILE A 106 -3.47 6.88 -2.49
CA ILE A 106 -2.08 7.15 -2.87
C ILE A 106 -1.54 8.09 -1.79
N SER A 107 -0.36 7.78 -1.27
CA SER A 107 0.24 8.63 -0.23
C SER A 107 1.56 9.21 -0.66
N SER A 108 1.92 10.32 -0.05
CA SER A 108 3.17 10.98 -0.34
C SER A 108 3.94 11.34 0.91
N GLY A 109 5.19 11.72 0.70
CA GLY A 109 6.04 12.20 1.77
C GLY A 109 7.44 12.50 1.27
N ASN A 110 8.43 12.12 2.07
CA ASN A 110 9.84 12.36 1.78
C ASN A 110 10.61 11.15 2.31
N THR A 111 11.47 10.57 1.47
CA THR A 111 12.25 9.39 1.86
C THR A 111 13.27 9.66 2.98
N ASN A 112 13.55 10.93 3.26
CA ASN A 112 14.37 11.31 4.42
C ASN A 112 13.78 10.89 5.77
N PHE A 113 12.48 10.58 5.81
CA PHE A 113 11.86 10.02 7.03
C PHE A 113 11.96 8.48 7.14
N GLY A 114 12.66 7.84 6.21
CA GLY A 114 13.06 6.44 6.35
C GLY A 114 11.86 5.52 6.37
N ASP A 115 11.74 4.69 7.41
CA ASP A 115 10.61 3.77 7.56
C ASP A 115 9.26 4.47 7.74
N SER A 116 9.26 5.77 8.07
CA SER A 116 8.03 6.56 8.09
C SER A 116 7.68 7.19 6.75
N PHE A 117 8.44 6.90 5.68
CA PHE A 117 8.13 7.42 4.35
C PHE A 117 6.72 7.04 3.93
N ALA A 118 5.90 8.07 3.66
CA ALA A 118 4.58 7.91 3.06
C ALA A 118 3.60 7.02 3.84
N ILE A 119 3.80 6.88 5.15
CA ILE A 119 3.02 5.90 5.95
C ILE A 119 1.53 6.23 6.15
N ALA A 120 1.09 7.43 5.81
CA ALA A 120 -0.36 7.73 5.78
C ALA A 120 -1.12 6.74 4.88
N GLY A 121 -0.50 6.30 3.78
CA GLY A 121 -1.13 5.41 2.81
C GLY A 121 -1.50 4.04 3.35
N PRO A 122 -0.49 3.29 3.84
CA PRO A 122 -0.75 1.99 4.48
C PRO A 122 -1.73 2.07 5.65
N VAL A 123 -1.65 3.15 6.44
CA VAL A 123 -2.57 3.39 7.54
C VAL A 123 -4.03 3.44 7.02
N ILE A 124 -4.26 4.26 6.01
CA ILE A 124 -5.59 4.38 5.40
C ILE A 124 -6.02 3.10 4.67
N SER A 125 -5.10 2.51 3.89
CA SER A 125 -5.35 1.25 3.17
C SER A 125 -5.91 0.16 4.07
N TYR A 126 -5.23 -0.05 5.20
CA TYR A 126 -5.62 -1.11 6.14
C TYR A 126 -6.93 -0.83 6.88
N LYS A 127 -7.18 0.43 7.21
CA LYS A 127 -8.43 0.82 7.88
C LYS A 127 -9.64 0.72 6.96
N LEU A 128 -9.51 1.25 5.73
CA LEU A 128 -10.61 1.24 4.75
C LEU A 128 -10.76 -0.07 3.97
N LYS A 129 -9.73 -0.92 3.98
CA LYS A 129 -9.68 -2.12 3.14
C LYS A 129 -9.76 -1.75 1.65
N VAL A 130 -8.91 -0.81 1.26
CA VAL A 130 -8.78 -0.37 -0.12
C VAL A 130 -7.30 -0.49 -0.48
N PRO A 131 -6.98 -0.67 -1.78
CA PRO A 131 -5.58 -0.80 -2.14
C PRO A 131 -4.79 0.51 -1.91
N LEU A 132 -3.53 0.35 -1.55
CA LEU A 132 -2.55 1.43 -1.61
C LEU A 132 -1.95 1.35 -3.02
N LEU A 133 -2.43 2.23 -3.89
CA LEU A 133 -2.11 2.16 -5.31
C LEU A 133 -0.72 2.67 -5.68
N TYR A 134 -0.21 3.63 -4.92
CA TYR A 134 1.05 4.31 -5.28
C TYR A 134 1.58 5.13 -4.11
N GLN A 135 2.89 5.37 -4.12
CA GLN A 135 3.54 6.26 -3.15
C GLN A 135 4.55 7.12 -3.90
N PHE A 136 4.61 8.42 -3.58
CA PHE A 136 5.57 9.33 -4.23
C PHE A 136 6.12 10.38 -3.27
N GLU A 137 7.14 11.10 -3.72
CA GLU A 137 7.76 12.15 -2.92
C GLU A 137 7.32 13.54 -3.35
N LEU A 138 6.98 14.38 -2.38
CA LEU A 138 6.95 15.84 -2.56
C LEU A 138 5.99 16.30 -3.68
N ILE A 139 6.50 16.93 -4.74
CA ILE A 139 5.66 17.38 -5.87
C ILE A 139 5.59 16.35 -7.00
N GLY A 140 6.28 15.22 -6.84
CA GLY A 140 6.27 14.14 -7.82
C GLY A 140 7.18 14.43 -9.02
N THR A 141 7.63 13.36 -9.66
CA THR A 141 8.41 13.42 -10.89
C THR A 141 7.46 13.31 -12.08
N LYS A 142 8.01 13.47 -13.29
CA LYS A 142 7.27 13.25 -14.53
C LYS A 142 6.76 11.81 -14.63
N GLU A 143 7.58 10.86 -14.18
CA GLU A 143 7.21 9.44 -14.18
C GLU A 143 6.05 9.14 -13.22
N ASP A 144 6.01 9.82 -12.06
CA ASP A 144 4.89 9.67 -11.11
C ASP A 144 3.56 10.14 -11.71
N VAL A 145 3.60 11.28 -12.39
CA VAL A 145 2.42 11.84 -13.06
C VAL A 145 1.88 10.85 -14.08
N GLU A 146 2.78 10.29 -14.89
CA GLU A 146 2.46 9.26 -15.90
C GLU A 146 1.86 8.00 -15.26
N GLU A 147 2.49 7.50 -14.21
CA GLU A 147 2.02 6.28 -13.53
C GLU A 147 0.68 6.46 -12.83
N VAL A 148 0.52 7.57 -12.11
CA VAL A 148 -0.72 7.86 -11.38
C VAL A 148 -1.90 8.07 -12.34
N ASN A 149 -1.68 8.80 -13.44
CA ASN A 149 -2.69 8.91 -14.50
C ASN A 149 -3.18 7.54 -14.97
N ARG A 150 -2.23 6.66 -15.29
CA ARG A 150 -2.53 5.27 -15.71
C ARG A 150 -3.25 4.49 -14.62
N ILE A 151 -2.72 4.57 -13.39
CA ILE A 151 -3.27 3.85 -12.25
C ILE A 151 -4.70 4.29 -11.93
N ILE A 152 -4.95 5.60 -11.93
CA ILE A 152 -6.30 6.13 -11.69
C ILE A 152 -7.26 5.69 -12.81
N SER A 153 -6.81 5.82 -14.05
CA SER A 153 -7.58 5.35 -15.22
C SER A 153 -8.00 3.88 -15.11
N GLU A 154 -7.03 3.01 -14.80
CA GLU A 154 -7.27 1.57 -14.65
C GLU A 154 -8.25 1.25 -13.51
N THR A 155 -8.12 1.97 -12.39
CA THR A 155 -9.03 1.81 -11.25
C THR A 155 -10.47 2.17 -11.61
N PHE A 156 -10.66 3.28 -12.31
CA PHE A 156 -12.00 3.70 -12.76
C PHE A 156 -12.56 2.89 -13.94
N ASN A 157 -11.67 2.34 -14.78
CA ASN A 157 -12.08 1.36 -15.80
C ASN A 157 -12.59 0.08 -15.14
N ALA A 158 -11.88 -0.39 -14.11
CA ALA A 158 -12.33 -1.53 -13.30
C ALA A 158 -13.49 -1.12 -12.39
N ILE B 23 -0.04 -17.21 -7.48
CA ILE B 23 0.55 -16.65 -6.24
C ILE B 23 2.01 -17.08 -6.10
N VAL B 24 2.86 -16.14 -5.69
CA VAL B 24 4.23 -16.42 -5.26
C VAL B 24 4.29 -15.98 -3.80
N TYR B 25 4.88 -16.82 -2.94
CA TYR B 25 4.93 -16.53 -1.51
C TYR B 25 6.20 -16.99 -0.82
N PHE B 26 6.44 -16.42 0.36
CA PHE B 26 7.52 -16.83 1.28
C PHE B 26 6.92 -17.17 2.64
N SER B 27 7.50 -18.16 3.31
CA SER B 27 7.07 -18.56 4.64
C SER B 27 8.20 -19.26 5.39
N THR B 28 8.51 -18.78 6.60
CA THR B 28 9.59 -19.36 7.43
C THR B 28 9.10 -20.67 8.07
N GLN B 29 9.93 -21.24 8.95
CA GLN B 29 9.60 -22.46 9.70
C GLN B 29 8.25 -22.39 10.43
N SER B 30 7.90 -21.21 10.96
CA SER B 30 6.61 -21.02 11.66
C SER B 30 5.38 -21.22 10.77
N ASN B 31 5.55 -21.04 9.46
CA ASN B 31 4.61 -21.59 8.46
C ASN B 31 3.22 -20.91 8.41
N ASN B 32 3.11 -19.68 8.92
CA ASN B 32 1.83 -18.94 8.92
C ASN B 32 1.35 -18.55 7.52
N THR B 33 2.26 -18.00 6.72
CA THR B 33 1.94 -17.54 5.37
C THR B 33 1.61 -18.73 4.45
N HIS B 34 2.32 -19.84 4.65
CA HIS B 34 2.07 -21.09 3.93
C HIS B 34 0.62 -21.56 4.13
N ARG B 35 0.19 -21.65 5.39
CA ARG B 35 -1.17 -22.10 5.70
C ARG B 35 -2.27 -21.19 5.15
N PHE B 36 -2.03 -19.87 5.16
CA PHE B 36 -2.98 -18.93 4.54
C PHE B 36 -3.12 -19.17 3.04
N VAL B 37 -1.98 -19.35 2.36
CA VAL B 37 -1.96 -19.52 0.90
C VAL B 37 -2.63 -20.84 0.46
N GLN B 38 -2.54 -21.88 1.28
CA GLN B 38 -3.24 -23.15 1.00
C GLN B 38 -4.78 -23.04 1.11
N LYS B 39 -5.27 -22.09 1.92
CA LYS B 39 -6.71 -21.82 2.01
C LYS B 39 -7.29 -21.04 0.81
N LEU B 40 -6.43 -20.41 0.02
CA LEU B 40 -6.85 -19.63 -1.14
C LEU B 40 -7.17 -20.53 -2.34
N ASP B 41 -7.96 -20.02 -3.28
CA ASP B 41 -8.37 -20.77 -4.47
C ASP B 41 -7.28 -20.85 -5.55
N ALA B 42 -6.51 -19.78 -5.71
CA ALA B 42 -5.48 -19.73 -6.76
C ALA B 42 -4.30 -20.66 -6.50
N GLU B 43 -3.60 -21.03 -7.58
CA GLU B 43 -2.39 -21.84 -7.51
C GLU B 43 -1.23 -21.01 -6.98
N SER B 44 -0.31 -21.66 -6.27
CA SER B 44 0.80 -20.96 -5.59
C SER B 44 2.16 -21.60 -5.84
N ILE B 45 3.20 -20.76 -5.85
CA ILE B 45 4.60 -21.17 -5.99
C ILE B 45 5.39 -20.60 -4.82
N ARG B 46 6.20 -21.43 -4.16
CA ARG B 46 6.91 -21.05 -2.93
C ARG B 46 8.36 -20.60 -3.17
N ILE B 47 8.73 -19.46 -2.59
CA ILE B 47 10.14 -19.03 -2.52
C ILE B 47 10.82 -19.88 -1.45
N PRO B 48 12.02 -20.46 -1.73
CA PRO B 48 12.67 -21.31 -0.73
C PRO B 48 13.18 -20.60 0.54
N ILE B 49 13.21 -21.33 1.65
CA ILE B 49 13.70 -20.82 2.94
C ILE B 49 15.23 -20.67 2.92
N ASP B 50 15.92 -21.61 2.28
CA ASP B 50 17.38 -21.58 2.16
C ASP B 50 17.84 -20.36 1.33
N GLU B 51 18.64 -19.50 1.95
CA GLU B 51 19.04 -18.21 1.36
C GLU B 51 19.88 -18.33 0.09
N GLU B 52 20.72 -19.37 0.01
CA GLU B 52 21.51 -19.64 -1.20
C GLU B 52 20.69 -20.18 -2.37
N GLU B 53 19.61 -20.91 -2.07
CA GLU B 53 18.70 -21.41 -3.11
C GLU B 53 17.83 -20.28 -3.65
N ARG B 54 17.76 -20.17 -4.98
CA ARG B 54 16.99 -19.11 -5.66
C ARG B 54 16.19 -19.70 -6.83
N ILE B 55 15.11 -19.02 -7.20
CA ILE B 55 14.14 -19.54 -8.19
C ILE B 55 13.88 -18.55 -9.31
N LYS B 56 13.14 -19.00 -10.33
CA LYS B 56 12.76 -18.17 -11.47
C LYS B 56 11.30 -18.43 -11.86
N VAL B 57 10.55 -17.35 -12.09
CA VAL B 57 9.12 -17.41 -12.43
C VAL B 57 8.88 -16.61 -13.71
N ASP B 58 8.09 -17.18 -14.63
CA ASP B 58 7.82 -16.55 -15.95
C ASP B 58 6.33 -16.32 -16.26
N GLU B 59 5.45 -16.48 -15.27
CA GLU B 59 4.03 -16.15 -15.38
C GLU B 59 3.74 -14.98 -14.43
N ASP B 60 2.69 -14.21 -14.71
CA ASP B 60 2.28 -13.11 -13.83
C ASP B 60 1.81 -13.64 -12.46
N TYR B 61 2.12 -12.90 -11.40
CA TYR B 61 1.84 -13.34 -10.04
C TYR B 61 1.54 -12.18 -9.08
N VAL B 62 0.73 -12.49 -8.07
CA VAL B 62 0.56 -11.63 -6.89
C VAL B 62 1.50 -12.16 -5.82
N LEU B 63 2.34 -11.28 -5.27
CA LEU B 63 3.32 -11.65 -4.25
C LEU B 63 2.69 -11.58 -2.85
N ILE B 64 2.92 -12.59 -2.03
CA ILE B 64 2.39 -12.64 -0.65
C ILE B 64 3.54 -12.98 0.30
N VAL B 65 3.93 -12.02 1.15
CA VAL B 65 5.10 -12.17 2.02
C VAL B 65 4.87 -11.66 3.46
N PRO B 66 5.44 -12.34 4.47
CA PRO B 66 5.39 -11.85 5.84
C PRO B 66 6.45 -10.78 6.09
N THR B 67 6.33 -10.08 7.21
CA THR B 67 7.24 -8.99 7.57
C THR B 67 8.16 -9.43 8.72
N TYR B 68 9.46 -9.21 8.55
CA TYR B 68 10.46 -9.60 9.53
C TYR B 68 11.44 -8.45 9.80
N SER B 69 11.38 -7.92 11.01
CA SER B 69 12.31 -6.89 11.50
C SER B 69 13.34 -7.52 12.44
N GLY B 70 14.35 -6.74 12.82
CA GLY B 70 15.41 -7.21 13.72
C GLY B 70 14.93 -7.43 15.14
N GLY B 83 15.04 -4.26 8.88
CA GLY B 83 14.87 -4.63 7.47
C GLY B 83 13.62 -5.44 7.25
N ALA B 84 12.51 -4.74 6.98
CA ALA B 84 11.16 -5.33 6.85
C ALA B 84 11.03 -6.57 5.96
N VAL B 85 11.67 -6.52 4.79
CA VAL B 85 11.53 -7.58 3.79
C VAL B 85 12.52 -8.70 4.12
N PRO B 86 12.06 -9.97 4.12
CA PRO B 86 13.00 -11.07 4.37
C PRO B 86 14.11 -11.13 3.31
N LYS B 87 15.33 -11.45 3.74
CA LYS B 87 16.48 -11.57 2.82
C LYS B 87 16.21 -12.42 1.59
N GLN B 88 15.45 -13.51 1.77
CA GLN B 88 15.12 -14.44 0.68
C GLN B 88 14.26 -13.77 -0.40
N VAL B 89 13.34 -12.90 0.01
CA VAL B 89 12.49 -12.15 -0.92
C VAL B 89 13.29 -11.05 -1.63
N ILE B 90 14.24 -10.44 -0.91
CA ILE B 90 15.13 -9.43 -1.49
C ILE B 90 15.97 -10.05 -2.62
N HIS B 91 16.52 -11.24 -2.37
CA HIS B 91 17.27 -11.99 -3.40
C HIS B 91 16.38 -12.34 -4.62
N PHE B 92 15.15 -12.77 -4.34
CA PHE B 92 14.17 -13.10 -5.39
C PHE B 92 13.86 -11.89 -6.27
N LEU B 93 13.55 -10.76 -5.63
CA LEU B 93 13.18 -9.54 -6.36
C LEU B 93 14.37 -8.81 -7.00
N ASN B 94 15.58 -9.02 -6.49
CA ASN B 94 16.80 -8.45 -7.11
C ASN B 94 17.05 -8.95 -8.54
N ASP B 95 16.58 -10.16 -8.85
CA ASP B 95 16.61 -10.69 -10.23
C ASP B 95 15.59 -9.94 -11.09
N PRO B 96 16.05 -9.28 -12.18
CA PRO B 96 15.11 -8.54 -13.05
C PRO B 96 13.99 -9.38 -13.69
N ASP B 97 14.26 -10.65 -13.96
CA ASP B 97 13.28 -11.55 -14.60
C ASP B 97 12.09 -11.89 -13.69
N ASN B 98 12.33 -11.98 -12.39
CA ASN B 98 11.26 -12.19 -11.42
C ASN B 98 10.46 -10.91 -11.18
N ARG B 99 11.17 -9.80 -11.01
CA ARG B 99 10.58 -8.50 -10.70
C ARG B 99 9.56 -8.00 -11.74
N LYS B 100 9.80 -8.28 -13.01
CA LYS B 100 8.92 -7.82 -14.10
C LYS B 100 7.52 -8.46 -14.10
N HIS B 101 7.41 -9.67 -13.57
CA HIS B 101 6.12 -10.41 -13.53
C HIS B 101 5.22 -10.14 -12.32
N CYS B 102 5.65 -9.31 -11.37
CA CYS B 102 4.82 -8.98 -10.20
C CYS B 102 3.69 -8.01 -10.57
N LEU B 103 2.44 -8.43 -10.34
CA LEU B 103 1.26 -7.57 -10.54
C LEU B 103 0.90 -6.76 -9.30
N GLY B 104 1.33 -7.22 -8.13
CA GLY B 104 0.98 -6.57 -6.87
C GLY B 104 1.48 -7.37 -5.70
N VAL B 105 1.44 -6.75 -4.52
CA VAL B 105 1.95 -7.37 -3.30
C VAL B 105 0.87 -7.36 -2.22
N ILE B 106 0.84 -8.43 -1.43
CA ILE B 106 0.04 -8.55 -0.22
C ILE B 106 1.04 -8.89 0.88
N SER B 107 0.95 -8.22 2.02
CA SER B 107 1.89 -8.46 3.10
C SER B 107 1.18 -8.82 4.39
N SER B 108 1.90 -9.53 5.25
CA SER B 108 1.34 -9.92 6.53
C SER B 108 2.29 -9.64 7.65
N GLY B 109 1.76 -9.81 8.86
CA GLY B 109 2.56 -9.76 10.06
C GLY B 109 1.69 -9.97 11.27
N ASN B 110 2.00 -9.24 12.33
CA ASN B 110 1.30 -9.31 13.59
C ASN B 110 1.04 -7.88 14.05
N THR B 111 -0.22 -7.54 14.30
CA THR B 111 -0.59 -6.17 14.70
C THR B 111 -0.04 -5.73 16.04
N ASN B 112 0.42 -6.69 16.87
CA ASN B 112 1.14 -6.34 18.10
C ASN B 112 2.51 -5.69 17.86
N PHE B 113 3.01 -5.72 16.62
CA PHE B 113 4.15 -4.87 16.23
C PHE B 113 3.79 -3.39 15.99
N GLY B 114 2.56 -2.98 16.30
CA GLY B 114 2.16 -1.58 16.24
C GLY B 114 2.23 -1.04 14.82
N ASP B 115 2.86 0.11 14.66
CA ASP B 115 2.95 0.78 13.36
C ASP B 115 4.06 0.21 12.45
N SER B 116 4.80 -0.80 12.94
CA SER B 116 5.61 -1.65 12.07
C SER B 116 4.82 -2.87 11.54
N PHE B 117 3.51 -2.90 11.74
CA PHE B 117 2.66 -3.97 11.20
C PHE B 117 2.71 -4.07 9.67
N ALA B 118 3.07 -5.26 9.18
CA ALA B 118 2.97 -5.62 7.77
C ALA B 118 3.75 -4.71 6.80
N ILE B 119 4.80 -4.06 7.30
CA ILE B 119 5.52 -3.03 6.52
C ILE B 119 6.37 -3.55 5.35
N ALA B 120 6.52 -4.86 5.20
CA ALA B 120 7.14 -5.42 3.99
C ALA B 120 6.40 -5.03 2.70
N GLY B 121 5.07 -4.93 2.79
CA GLY B 121 4.23 -4.64 1.63
C GLY B 121 4.44 -3.27 1.01
N PRO B 122 4.28 -2.20 1.81
CA PRO B 122 4.55 -0.83 1.35
C PRO B 122 5.93 -0.64 0.76
N VAL B 123 6.95 -1.27 1.36
CA VAL B 123 8.33 -1.19 0.88
C VAL B 123 8.44 -1.82 -0.52
N ILE B 124 7.90 -3.03 -0.67
CA ILE B 124 7.91 -3.73 -1.96
C ILE B 124 7.08 -2.96 -3.01
N SER B 125 5.89 -2.53 -2.60
CA SER B 125 4.97 -1.74 -3.44
C SER B 125 5.64 -0.52 -4.06
N TYR B 126 6.37 0.23 -3.23
CA TYR B 126 7.07 1.43 -3.68
C TYR B 126 8.27 1.12 -4.57
N LYS B 127 9.03 0.07 -4.22
CA LYS B 127 10.20 -0.33 -5.01
C LYS B 127 9.82 -0.85 -6.40
N LEU B 128 8.79 -1.69 -6.47
CA LEU B 128 8.34 -2.30 -7.73
C LEU B 128 7.37 -1.43 -8.55
N LYS B 129 6.76 -0.42 -7.92
CA LYS B 129 5.67 0.37 -8.51
C LYS B 129 4.48 -0.53 -8.87
N VAL B 130 4.10 -1.38 -7.93
CA VAL B 130 2.90 -2.21 -8.04
C VAL B 130 2.04 -1.92 -6.80
N PRO B 131 0.71 -2.12 -6.92
CA PRO B 131 -0.15 -1.80 -5.79
C PRO B 131 0.01 -2.75 -4.59
N LEU B 132 -0.11 -2.21 -3.39
CA LEU B 132 -0.27 -3.03 -2.18
C LEU B 132 -1.76 -3.32 -2.06
N LEU B 133 -2.13 -4.54 -2.40
CA LEU B 133 -3.54 -4.92 -2.57
C LEU B 133 -4.28 -5.19 -1.26
N TYR B 134 -3.56 -5.72 -0.28
CA TYR B 134 -4.16 -6.17 0.97
C TYR B 134 -3.09 -6.39 2.02
N GLN B 135 -3.47 -6.35 3.30
CA GLN B 135 -2.60 -6.76 4.39
C GLN B 135 -3.38 -7.61 5.37
N PHE B 136 -2.77 -8.65 5.93
CA PHE B 136 -3.44 -9.52 6.90
C PHE B 136 -2.53 -9.96 8.05
N GLU B 137 -3.13 -10.60 9.05
CA GLU B 137 -2.40 -11.11 10.21
C GLU B 137 -2.18 -12.60 10.13
N LEU B 138 -0.94 -13.03 10.37
CA LEU B 138 -0.62 -14.41 10.74
C LEU B 138 -1.14 -15.43 9.70
N ILE B 139 -2.06 -16.32 10.08
CA ILE B 139 -2.60 -17.34 9.17
C ILE B 139 -3.87 -16.87 8.44
N GLY B 140 -4.34 -15.66 8.76
CA GLY B 140 -5.51 -15.08 8.10
C GLY B 140 -6.84 -15.59 8.63
N THR B 141 -7.86 -14.75 8.52
CA THR B 141 -9.24 -15.07 8.92
C THR B 141 -10.06 -15.56 7.74
N LYS B 142 -11.31 -15.93 8.02
CA LYS B 142 -12.30 -16.28 6.99
C LYS B 142 -12.45 -15.13 5.98
N GLU B 143 -12.55 -13.91 6.51
CA GLU B 143 -12.70 -12.69 5.69
C GLU B 143 -11.50 -12.48 4.77
N ASP B 144 -10.29 -12.68 5.29
CA ASP B 144 -9.05 -12.53 4.51
C ASP B 144 -9.02 -13.51 3.34
N VAL B 145 -9.42 -14.76 3.58
CA VAL B 145 -9.45 -15.78 2.54
C VAL B 145 -10.39 -15.35 1.42
N GLU B 146 -11.61 -14.94 1.78
CA GLU B 146 -12.61 -14.51 0.79
C GLU B 146 -12.18 -13.23 0.07
N GLU B 147 -11.62 -12.30 0.85
CA GLU B 147 -11.21 -11.01 0.31
C GLU B 147 -10.01 -11.12 -0.63
N VAL B 148 -9.02 -11.94 -0.28
CA VAL B 148 -7.84 -12.15 -1.13
C VAL B 148 -8.18 -12.97 -2.37
N ASN B 149 -9.10 -13.94 -2.25
CA ASN B 149 -9.66 -14.63 -3.43
C ASN B 149 -10.27 -13.66 -4.43
N ARG B 150 -11.13 -12.76 -3.94
CA ARG B 150 -11.76 -11.72 -4.76
C ARG B 150 -10.73 -10.80 -5.43
N ILE B 151 -9.79 -10.30 -4.62
CA ILE B 151 -8.75 -9.36 -5.09
C ILE B 151 -7.85 -9.96 -6.17
N ILE B 152 -7.38 -11.19 -5.94
CA ILE B 152 -6.51 -11.87 -6.92
C ILE B 152 -7.22 -12.06 -8.27
N SER B 153 -8.51 -12.40 -8.24
CA SER B 153 -9.31 -12.55 -9.47
C SER B 153 -9.43 -11.24 -10.26
N GLU B 154 -9.72 -10.15 -9.56
CA GLU B 154 -9.79 -8.81 -10.17
C GLU B 154 -8.46 -8.35 -10.76
N THR B 155 -7.36 -8.68 -10.08
CA THR B 155 -6.01 -8.31 -10.55
C THR B 155 -5.64 -9.03 -11.84
N PHE B 156 -5.90 -10.34 -11.93
CA PHE B 156 -5.62 -11.11 -13.16
C PHE B 156 -6.59 -10.75 -14.28
N ASN B 157 -6.31 -9.62 -14.92
CA ASN B 157 -7.11 -9.09 -16.04
C ASN B 157 -6.25 -8.10 -16.84
#